data_7D8D
#
_entry.id   7D8D
#
_cell.length_a   38.692
_cell.length_b   52.014
_cell.length_c   127.723
_cell.angle_alpha   90.000
_cell.angle_beta   90.000
_cell.angle_gamma   90.000
#
_symmetry.space_group_name_H-M   'P 21 21 21'
#
loop_
_entity.id
_entity.type
_entity.pdbx_description
1 polymer 'Alpha N-terminal protein methyltransferase 1'
2 polymer Rps25A-peptide
3 non-polymer S-ADENOSYL-L-HOMOCYSTEINE
4 water water
#
loop_
_entity_poly.entity_id
_entity_poly.type
_entity_poly.pdbx_seq_one_letter_code
_entity_poly.pdbx_strand_id
1 'polypeptide(L)'
;MDVPADSHIKYEDAIDYWTDVDATVDGVLGGYGEGTVVPTMDVLGSNNFLRKLKSRMLPQENNVKYAVDIGAGIGRVSKT
MLHKHAAKIDLVEPVKPFIEQMHVELAELKDKGQIGQIYEVGMQDWTPDAGKYWLIWCQWCVGHLPDAELVAFLKRCIVG
LQPNGTIVVKENNTPTDTDDFDETDSSVTRSDAKFRQIFEEAGLKLIASERQRGLPRELYPVRMYALKPMPN
;
A
2 'polypeptide(L)' PPKQQL D
#
# COMPACT_ATOMS: atom_id res chain seq x y z
N MET A 1 21.97 10.13 -20.10
CA MET A 1 20.92 10.03 -19.04
C MET A 1 21.46 9.42 -17.76
N ASP A 2 20.85 9.79 -16.65
CA ASP A 2 21.20 9.26 -15.35
C ASP A 2 20.83 7.77 -15.28
N VAL A 3 21.53 7.05 -14.41
CA VAL A 3 21.16 5.66 -14.15
C VAL A 3 19.74 5.66 -13.57
N PRO A 4 19.00 4.56 -13.68
CA PRO A 4 17.61 4.58 -13.18
C PRO A 4 17.56 4.88 -11.69
N ALA A 5 16.54 5.64 -11.30
CA ALA A 5 16.36 5.95 -9.88
C ALA A 5 16.36 4.70 -9.01
N ASP A 6 15.71 3.63 -9.49
CA ASP A 6 15.56 2.44 -8.65
C ASP A 6 16.84 1.64 -8.52
N SER A 7 17.87 1.96 -9.31
CA SER A 7 19.15 1.26 -9.16
C SER A 7 19.84 1.59 -7.85
N HIS A 8 19.41 2.65 -7.16
CA HIS A 8 20.02 3.08 -5.92
C HIS A 8 19.40 2.43 -4.69
N ILE A 9 18.27 1.73 -4.83
CA ILE A 9 17.61 1.14 -3.68
C ILE A 9 18.51 0.08 -3.06
N LYS A 10 18.63 0.13 -1.73
CA LYS A 10 19.35 -0.87 -0.94
C LYS A 10 18.43 -1.24 0.22
N TYR A 11 17.91 -2.47 0.20
CA TYR A 11 16.94 -2.88 1.21
C TYR A 11 17.47 -2.66 2.62
N GLU A 12 18.75 -2.99 2.85
CA GLU A 12 19.30 -2.87 4.19
C GLU A 12 19.28 -1.43 4.68
N ASP A 13 19.51 -0.46 3.78
CA ASP A 13 19.45 0.94 4.18
C ASP A 13 18.04 1.33 4.58
N ALA A 14 17.04 0.85 3.85
CA ALA A 14 15.66 1.15 4.19
C ALA A 14 15.29 0.58 5.55
N ILE A 15 15.64 -0.67 5.82
CA ILE A 15 15.30 -1.26 7.10
C ILE A 15 16.08 -0.58 8.23
N ASP A 16 17.34 -0.23 8.00
CA ASP A 16 18.09 0.50 9.03
C ASP A 16 17.42 1.82 9.36
N TYR A 17 16.94 2.53 8.34
CA TYR A 17 16.26 3.80 8.57
C TYR A 17 14.99 3.60 9.38
N TRP A 18 14.10 2.72 8.92
CA TRP A 18 12.80 2.59 9.56
C TRP A 18 12.91 2.01 10.96
N THR A 19 13.91 1.17 11.21
CA THR A 19 14.06 0.58 12.53
C THR A 19 14.34 1.65 13.59
N ASP A 20 14.91 2.78 13.21
CA ASP A 20 15.17 3.87 14.14
C ASP A 20 14.09 4.96 14.14
N VAL A 21 13.03 4.82 13.34
CA VAL A 21 11.91 5.75 13.35
C VAL A 21 10.97 5.40 14.50
N ASP A 22 10.45 6.42 15.17
CA ASP A 22 9.49 6.18 16.24
C ASP A 22 8.31 5.34 15.73
N ALA A 23 7.88 4.38 16.55
CA ALA A 23 6.75 3.51 16.22
C ALA A 23 5.44 4.22 16.60
N THR A 24 5.15 5.29 15.86
CA THR A 24 4.04 6.17 16.12
C THR A 24 3.45 6.61 14.79
N VAL A 25 2.27 7.23 14.85
CA VAL A 25 1.67 7.79 13.64
C VAL A 25 2.58 8.85 13.02
N ASP A 26 3.16 9.73 13.84
CA ASP A 26 4.12 10.72 13.32
C ASP A 26 5.27 10.01 12.61
N GLY A 27 5.77 8.91 13.18
CA GLY A 27 6.87 8.22 12.55
C GLY A 27 6.53 7.64 11.18
N VAL A 28 5.44 6.87 11.12
CA VAL A 28 5.11 6.19 9.87
C VAL A 28 4.55 7.15 8.83
N LEU A 29 4.11 8.35 9.23
CA LEU A 29 3.62 9.34 8.29
C LEU A 29 4.64 10.47 8.06
N GLY A 30 5.90 10.23 8.41
CA GLY A 30 6.93 11.19 8.07
C GLY A 30 6.67 12.58 8.61
N GLY A 31 6.12 12.65 9.82
CA GLY A 31 5.83 13.90 10.50
C GLY A 31 4.41 14.41 10.33
N TYR A 32 3.65 13.86 9.39
CA TYR A 32 2.30 14.33 9.09
C TYR A 32 1.27 13.50 9.85
N GLY A 33 1.35 13.58 11.18
CA GLY A 33 0.51 12.80 12.07
C GLY A 33 -0.71 13.56 12.55
N GLU A 34 -1.16 13.22 13.76
CA GLU A 34 -2.47 13.68 14.21
C GLU A 34 -2.54 15.18 14.47
N GLY A 35 -1.41 15.87 14.56
CA GLY A 35 -1.43 17.32 14.61
C GLY A 35 -1.66 18.00 13.28
N THR A 36 -1.80 17.21 12.23
CA THR A 36 -2.05 17.69 10.88
C THR A 36 -3.37 17.13 10.41
N VAL A 37 -3.79 17.57 9.22
CA VAL A 37 -4.99 17.03 8.61
C VAL A 37 -4.79 15.65 7.98
N VAL A 38 -3.56 15.15 7.89
CA VAL A 38 -3.29 14.02 7.01
C VAL A 38 -3.99 12.74 7.43
N PRO A 39 -3.89 12.28 8.69
CA PRO A 39 -4.60 11.02 9.03
C PRO A 39 -6.09 11.10 8.72
N THR A 40 -6.73 12.22 9.07
CA THR A 40 -8.16 12.38 8.84
C THR A 40 -8.50 12.35 7.36
N MET A 41 -7.75 13.10 6.55
CA MET A 41 -7.97 13.12 5.12
C MET A 41 -7.72 11.74 4.52
N ASP A 42 -6.64 11.07 4.93
CA ASP A 42 -6.30 9.77 4.40
C ASP A 42 -7.44 8.77 4.57
N VAL A 43 -7.99 8.69 5.78
CA VAL A 43 -9.05 7.72 6.05
C VAL A 43 -10.32 8.09 5.30
N LEU A 44 -10.65 9.38 5.24
CA LEU A 44 -11.81 9.83 4.49
C LEU A 44 -11.70 9.43 3.03
N GLY A 45 -10.53 9.67 2.43
CA GLY A 45 -10.36 9.38 1.03
C GLY A 45 -10.35 7.88 0.73
N SER A 46 -9.71 7.09 1.59
CA SER A 46 -9.71 5.64 1.40
C SER A 46 -11.11 5.07 1.55
N ASN A 47 -11.85 5.53 2.57
CA ASN A 47 -13.22 5.05 2.74
C ASN A 47 -14.07 5.42 1.55
N ASN A 48 -13.94 6.65 1.05
CA ASN A 48 -14.73 7.07 -0.11
CA ASN A 48 -14.75 7.05 -0.11
C ASN A 48 -14.38 6.21 -1.34
N PHE A 49 -13.10 5.92 -1.51
CA PHE A 49 -12.63 5.12 -2.64
C PHE A 49 -13.24 3.73 -2.60
N LEU A 50 -13.18 3.08 -1.44
CA LEU A 50 -13.76 1.74 -1.30
C LEU A 50 -15.28 1.78 -1.43
N ARG A 51 -15.94 2.81 -0.91
CA ARG A 51 -17.39 2.92 -1.03
CA ARG A 51 -17.39 2.92 -1.03
C ARG A 51 -17.79 2.98 -2.49
N LYS A 52 -17.11 3.81 -3.27
CA LYS A 52 -17.49 3.95 -4.67
C LYS A 52 -17.16 2.71 -5.47
N LEU A 53 -16.26 1.86 -5.00
CA LEU A 53 -15.91 0.61 -5.65
C LEU A 53 -16.74 -0.59 -5.18
N LYS A 54 -17.75 -0.40 -4.34
CA LYS A 54 -18.47 -1.54 -3.81
C LYS A 54 -18.98 -2.46 -4.92
N SER A 55 -19.50 -1.89 -6.02
CA SER A 55 -20.08 -2.73 -7.06
C SER A 55 -19.03 -3.58 -7.76
N ARG A 56 -17.74 -3.26 -7.58
CA ARG A 56 -16.63 -3.97 -8.22
C ARG A 56 -16.00 -5.00 -7.29
N MET A 57 -16.51 -5.13 -6.07
CA MET A 57 -15.86 -5.92 -5.03
C MET A 57 -16.82 -6.91 -4.36
N LEU A 58 -17.87 -7.31 -5.05
CA LEU A 58 -18.73 -8.34 -4.48
C LEU A 58 -17.98 -9.66 -4.42
N PRO A 59 -17.88 -10.31 -3.26
CA PRO A 59 -17.21 -11.61 -3.22
C PRO A 59 -17.97 -12.64 -4.05
N GLN A 60 -17.21 -13.63 -4.52
CA GLN A 60 -17.72 -14.72 -5.34
CA GLN A 60 -17.68 -14.72 -5.35
C GLN A 60 -17.32 -16.04 -4.68
N GLU A 61 -17.95 -17.12 -5.15
CA GLU A 61 -17.60 -18.47 -4.71
C GLU A 61 -17.60 -18.59 -3.19
N ASN A 62 -18.58 -17.98 -2.54
CA ASN A 62 -18.83 -18.13 -1.12
C ASN A 62 -17.76 -17.50 -0.24
N ASN A 63 -16.94 -16.62 -0.78
CA ASN A 63 -15.88 -15.98 -0.01
C ASN A 63 -16.42 -14.88 0.92
N VAL A 64 -15.57 -14.54 1.90
CA VAL A 64 -15.75 -13.38 2.75
C VAL A 64 -14.57 -12.43 2.53
N LYS A 65 -14.66 -11.24 3.11
CA LYS A 65 -13.79 -10.12 2.73
C LYS A 65 -12.48 -10.14 3.50
N TYR A 66 -11.61 -11.10 3.17
CA TYR A 66 -10.29 -11.22 3.80
C TYR A 66 -9.35 -10.24 3.11
N ALA A 67 -8.74 -9.34 3.87
CA ALA A 67 -7.82 -8.35 3.34
C ALA A 67 -6.42 -8.56 3.90
N VAL A 68 -5.44 -7.96 3.23
CA VAL A 68 -4.07 -7.87 3.74
C VAL A 68 -3.57 -6.45 3.59
N ASP A 69 -2.91 -5.97 4.63
CA ASP A 69 -2.33 -4.64 4.77
C ASP A 69 -0.83 -4.77 4.56
N ILE A 70 -0.35 -4.36 3.38
CA ILE A 70 1.04 -4.54 2.96
C ILE A 70 1.87 -3.32 3.39
N GLY A 71 3.07 -3.57 3.91
CA GLY A 71 3.91 -2.46 4.37
C GLY A 71 3.22 -1.70 5.49
N ALA A 72 2.69 -2.45 6.44
CA ALA A 72 1.66 -1.95 7.34
C ALA A 72 2.16 -1.02 8.43
N GLY A 73 3.47 -0.93 8.66
CA GLY A 73 3.93 -0.05 9.72
C GLY A 73 3.48 -0.55 11.08
N ILE A 74 2.87 0.36 11.86
CA ILE A 74 2.33 0.00 13.17
C ILE A 74 0.87 -0.45 13.08
N GLY A 75 0.36 -0.67 11.87
CA GLY A 75 -1.02 -1.09 11.69
C GLY A 75 -2.04 0.02 11.57
N ARG A 76 -1.59 1.26 11.36
CA ARG A 76 -2.50 2.41 11.34
C ARG A 76 -3.66 2.23 10.37
N VAL A 77 -3.38 1.77 9.15
CA VAL A 77 -4.44 1.68 8.16
C VAL A 77 -5.47 0.64 8.56
N SER A 78 -5.02 -0.48 9.12
CA SER A 78 -5.96 -1.50 9.60
C SER A 78 -6.77 -0.99 10.77
N LYS A 79 -6.11 -0.32 11.73
CA LYS A 79 -6.76 0.15 12.95
C LYS A 79 -7.83 1.18 12.64
N THR A 80 -7.58 2.06 11.67
CA THR A 80 -8.41 3.23 11.47
C THR A 80 -9.29 3.17 10.22
N MET A 81 -9.12 2.15 9.37
CA MET A 81 -9.81 2.15 8.08
C MET A 81 -10.18 0.74 7.63
N LEU A 82 -9.21 -0.15 7.42
CA LEU A 82 -9.52 -1.42 6.77
CA LEU A 82 -9.51 -1.42 6.77
C LEU A 82 -10.46 -2.30 7.60
N HIS A 83 -10.39 -2.20 8.93
CA HIS A 83 -11.19 -3.10 9.75
C HIS A 83 -12.68 -2.88 9.52
N LYS A 84 -13.10 -1.71 9.08
CA LYS A 84 -14.52 -1.50 8.83
C LYS A 84 -14.97 -2.33 7.64
N HIS A 85 -14.13 -2.44 6.62
CA HIS A 85 -14.50 -3.06 5.35
C HIS A 85 -14.26 -4.56 5.35
N ALA A 86 -13.26 -5.03 6.06
CA ALA A 86 -12.77 -6.39 5.93
C ALA A 86 -13.34 -7.29 7.01
N ALA A 87 -13.56 -8.56 6.62
CA ALA A 87 -13.92 -9.60 7.58
C ALA A 87 -12.75 -9.98 8.49
N LYS A 88 -11.55 -9.99 7.94
CA LYS A 88 -10.34 -10.45 8.62
C LYS A 88 -9.18 -9.79 7.90
N ILE A 89 -8.09 -9.57 8.62
CA ILE A 89 -6.94 -8.82 8.10
C ILE A 89 -5.64 -9.53 8.48
N ASP A 90 -4.79 -9.77 7.47
CA ASP A 90 -3.38 -10.10 7.67
C ASP A 90 -2.56 -8.83 7.44
N LEU A 91 -1.34 -8.79 7.98
CA LEU A 91 -0.45 -7.64 7.80
C LEU A 91 0.94 -8.13 7.46
N VAL A 92 1.63 -7.37 6.59
CA VAL A 92 3.02 -7.65 6.19
C VAL A 92 3.83 -6.42 6.53
N GLU A 93 4.88 -6.57 7.35
CA GLU A 93 5.72 -5.44 7.72
C GLU A 93 7.08 -5.97 8.15
N PRO A 94 8.18 -5.42 7.60
CA PRO A 94 9.49 -5.99 7.93
C PRO A 94 10.13 -5.50 9.21
N VAL A 95 9.73 -4.35 9.76
CA VAL A 95 10.49 -3.69 10.82
C VAL A 95 10.03 -4.18 12.20
N LYS A 96 11.00 -4.68 12.98
CA LYS A 96 10.68 -5.34 14.25
C LYS A 96 9.97 -4.44 15.25
N PRO A 97 10.45 -3.23 15.55
CA PRO A 97 9.72 -2.39 16.52
C PRO A 97 8.35 -1.98 16.03
N PHE A 98 8.12 -1.95 14.71
CA PHE A 98 6.79 -1.65 14.20
C PHE A 98 5.84 -2.81 14.46
N ILE A 99 6.29 -4.05 14.24
CA ILE A 99 5.50 -5.22 14.59
C ILE A 99 5.16 -5.21 16.08
N GLU A 100 6.16 -4.90 16.93
CA GLU A 100 5.90 -4.89 18.36
C GLU A 100 4.80 -3.90 18.71
N GLN A 101 4.85 -2.69 18.14
CA GLN A 101 3.83 -1.70 18.44
C GLN A 101 2.49 -2.06 17.80
N MET A 102 2.53 -2.72 16.64
CA MET A 102 1.31 -3.15 15.96
C MET A 102 0.44 -3.99 16.88
N HIS A 103 1.05 -4.84 17.71
CA HIS A 103 0.27 -5.66 18.64
C HIS A 103 -0.52 -4.79 19.63
N VAL A 104 0.04 -3.65 20.03
CA VAL A 104 -0.67 -2.71 20.88
C VAL A 104 -1.76 -1.98 20.10
N GLU A 105 -1.41 -1.48 18.92
CA GLU A 105 -2.36 -0.69 18.12
C GLU A 105 -3.60 -1.50 17.76
N LEU A 106 -3.41 -2.79 17.49
CA LEU A 106 -4.48 -3.65 17.01
C LEU A 106 -5.14 -4.47 18.11
N ALA A 107 -4.92 -4.12 19.38
CA ALA A 107 -5.43 -4.94 20.49
C ALA A 107 -6.94 -5.17 20.40
N GLU A 108 -7.71 -4.13 20.12
CA GLU A 108 -9.16 -4.28 20.08
C GLU A 108 -9.57 -5.19 18.93
N LEU A 109 -8.88 -5.10 17.81
CA LEU A 109 -9.21 -5.97 16.68
C LEU A 109 -8.84 -7.41 16.98
N LYS A 110 -7.71 -7.62 17.67
CA LYS A 110 -7.31 -8.96 18.07
C LYS A 110 -8.31 -9.58 19.04
N ASP A 111 -8.91 -8.77 19.91
CA ASP A 111 -9.90 -9.30 20.84
C ASP A 111 -11.10 -9.89 20.10
N LYS A 112 -11.38 -9.40 18.89
CA LYS A 112 -12.45 -9.91 18.05
C LYS A 112 -11.99 -11.01 17.11
N GLY A 113 -10.70 -11.38 17.18
CA GLY A 113 -10.17 -12.36 16.27
C GLY A 113 -10.05 -11.88 14.84
N GLN A 114 -10.12 -10.57 14.62
CA GLN A 114 -10.12 -10.02 13.27
C GLN A 114 -8.74 -9.99 12.62
N ILE A 115 -7.67 -10.16 13.40
CA ILE A 115 -6.32 -10.22 12.85
C ILE A 115 -5.95 -11.68 12.66
N GLY A 116 -5.58 -12.04 11.43
CA GLY A 116 -5.14 -13.38 11.14
C GLY A 116 -3.66 -13.58 11.41
N GLN A 117 -2.83 -13.34 10.42
CA GLN A 117 -1.40 -13.53 10.51
C GLN A 117 -0.70 -12.20 10.31
N ILE A 118 0.37 -12.00 11.08
CA ILE A 118 1.29 -10.88 10.92
C ILE A 118 2.60 -11.48 10.41
N TYR A 119 3.00 -11.07 9.21
CA TYR A 119 4.18 -11.58 8.55
C TYR A 119 5.31 -10.55 8.68
N GLU A 120 6.35 -10.90 9.42
CA GLU A 120 7.47 -10.00 9.69
C GLU A 120 8.53 -10.24 8.61
N VAL A 121 8.33 -9.58 7.47
CA VAL A 121 9.09 -9.85 6.25
C VAL A 121 8.91 -8.64 5.34
N GLY A 122 9.86 -8.45 4.42
CA GLY A 122 9.67 -7.51 3.34
C GLY A 122 8.75 -8.08 2.28
N MET A 123 7.99 -7.21 1.62
CA MET A 123 7.01 -7.72 0.65
C MET A 123 7.68 -8.48 -0.48
N GLN A 124 8.94 -8.15 -0.79
CA GLN A 124 9.66 -8.82 -1.87
C GLN A 124 9.86 -10.31 -1.61
N ASP A 125 9.83 -10.74 -0.35
CA ASP A 125 10.04 -12.13 0.02
C ASP A 125 8.77 -12.84 0.46
N TRP A 126 7.62 -12.18 0.31
CA TRP A 126 6.35 -12.67 0.81
C TRP A 126 5.48 -13.17 -0.33
N THR A 127 4.79 -14.27 -0.10
CA THR A 127 3.85 -14.82 -1.07
C THR A 127 2.49 -14.99 -0.41
N PRO A 128 1.42 -14.41 -0.95
CA PRO A 128 0.08 -14.67 -0.41
C PRO A 128 -0.33 -16.09 -0.72
N ASP A 129 -1.06 -16.71 0.20
CA ASP A 129 -1.64 -18.00 -0.12
C ASP A 129 -2.57 -17.86 -1.33
N ALA A 130 -2.53 -18.86 -2.21
CA ALA A 130 -3.29 -18.77 -3.45
C ALA A 130 -4.78 -18.61 -3.14
N GLY A 131 -5.41 -17.67 -3.82
CA GLY A 131 -6.85 -17.49 -3.73
C GLY A 131 -7.37 -16.94 -2.42
N LYS A 132 -6.51 -16.41 -1.55
CA LYS A 132 -6.96 -16.08 -0.20
C LYS A 132 -7.68 -14.75 -0.10
N TYR A 133 -7.23 -13.72 -0.84
CA TYR A 133 -7.57 -12.34 -0.51
C TYR A 133 -8.63 -11.70 -1.40
N TRP A 134 -9.61 -11.10 -0.75
CA TRP A 134 -10.57 -10.20 -1.38
C TRP A 134 -9.93 -8.86 -1.73
N LEU A 135 -9.00 -8.40 -0.90
CA LEU A 135 -8.36 -7.10 -1.07
C LEU A 135 -6.93 -7.17 -0.58
N ILE A 136 -6.01 -6.72 -1.42
CA ILE A 136 -4.60 -6.55 -1.09
C ILE A 136 -4.33 -5.05 -1.15
N TRP A 137 -4.10 -4.43 0.01
CA TRP A 137 -4.02 -2.97 0.15
C TRP A 137 -2.55 -2.59 0.40
N CYS A 138 -1.98 -1.83 -0.53
CA CYS A 138 -0.55 -1.49 -0.51
C CYS A 138 -0.41 0.03 -0.42
N GLN A 139 -0.15 0.56 0.76
CA GLN A 139 -0.14 2.00 0.99
C GLN A 139 1.21 2.51 1.47
N TRP A 140 1.75 3.47 0.73
CA TRP A 140 2.91 4.24 1.16
C TRP A 140 4.13 3.37 1.41
N CYS A 141 4.28 2.28 0.65
CA CYS A 141 5.38 1.34 0.83
C CYS A 141 6.02 0.78 -0.44
N VAL A 142 5.35 0.76 -1.60
CA VAL A 142 5.91 0.03 -2.74
C VAL A 142 7.13 0.69 -3.35
N GLY A 143 7.43 1.93 -2.99
CA GLY A 143 8.66 2.56 -3.42
C GLY A 143 9.91 1.89 -2.88
N HIS A 144 9.78 1.01 -1.90
CA HIS A 144 10.92 0.28 -1.37
C HIS A 144 11.40 -0.83 -2.28
N LEU A 145 10.61 -1.24 -3.28
CA LEU A 145 11.03 -2.24 -4.25
C LEU A 145 11.38 -1.57 -5.56
N PRO A 146 12.44 -2.00 -6.23
CA PRO A 146 12.67 -1.55 -7.60
C PRO A 146 11.56 -2.03 -8.53
N ASP A 147 11.53 -1.47 -9.73
CA ASP A 147 10.44 -1.72 -10.68
C ASP A 147 10.26 -3.22 -10.94
N ALA A 148 11.34 -3.93 -11.28
CA ALA A 148 11.19 -5.34 -11.65
C ALA A 148 10.68 -6.16 -10.48
N GLU A 149 11.19 -5.90 -9.29
CA GLU A 149 10.77 -6.61 -8.09
C GLU A 149 9.31 -6.29 -7.78
N LEU A 150 8.88 -5.06 -8.01
CA LEU A 150 7.49 -4.70 -7.77
C LEU A 150 6.56 -5.42 -8.75
N VAL A 151 6.95 -5.49 -10.03
CA VAL A 151 6.19 -6.31 -10.98
C VAL A 151 6.06 -7.73 -10.46
N ALA A 152 7.16 -8.32 -10.00
CA ALA A 152 7.14 -9.69 -9.51
C ALA A 152 6.21 -9.83 -8.31
N PHE A 153 6.28 -8.88 -7.38
CA PHE A 153 5.38 -8.89 -6.23
C PHE A 153 3.92 -8.85 -6.67
N LEU A 154 3.60 -7.96 -7.61
CA LEU A 154 2.21 -7.85 -8.07
C LEU A 154 1.75 -9.13 -8.76
N LYS A 155 2.63 -9.79 -9.50
CA LYS A 155 2.27 -11.08 -10.10
C LYS A 155 1.95 -12.12 -9.03
N ARG A 156 2.73 -12.16 -7.94
CA ARG A 156 2.41 -13.10 -6.86
C ARG A 156 1.06 -12.73 -6.23
N CYS A 157 0.81 -11.42 -6.08
CA CYS A 157 -0.46 -10.96 -5.52
C CYS A 157 -1.64 -11.45 -6.34
N ILE A 158 -1.55 -11.42 -7.66
CA ILE A 158 -2.65 -11.88 -8.50
C ILE A 158 -3.05 -13.29 -8.14
N VAL A 159 -2.06 -14.18 -7.99
CA VAL A 159 -2.35 -15.56 -7.63
C VAL A 159 -2.97 -15.64 -6.24
N GLY A 160 -2.62 -14.72 -5.35
CA GLY A 160 -3.19 -14.59 -4.03
C GLY A 160 -4.60 -14.02 -3.94
N LEU A 161 -5.20 -13.62 -5.06
CA LEU A 161 -6.55 -13.06 -5.04
C LEU A 161 -7.61 -14.14 -5.12
N GLN A 162 -8.68 -13.94 -4.37
CA GLN A 162 -9.94 -14.61 -4.60
C GLN A 162 -10.45 -14.30 -6.00
N PRO A 163 -11.40 -15.09 -6.52
CA PRO A 163 -12.17 -14.63 -7.68
C PRO A 163 -12.74 -13.25 -7.38
N ASN A 164 -12.60 -12.34 -8.33
CA ASN A 164 -13.05 -10.96 -8.18
C ASN A 164 -12.34 -10.19 -7.08
N GLY A 165 -11.19 -10.67 -6.60
CA GLY A 165 -10.38 -9.89 -5.69
C GLY A 165 -9.82 -8.64 -6.34
N THR A 166 -9.31 -7.73 -5.50
CA THR A 166 -8.82 -6.43 -5.95
C THR A 166 -7.50 -6.11 -5.27
N ILE A 167 -6.58 -5.49 -6.02
CA ILE A 167 -5.37 -4.90 -5.45
C ILE A 167 -5.55 -3.39 -5.46
N VAL A 168 -5.23 -2.73 -4.34
CA VAL A 168 -5.19 -1.28 -4.27
C VAL A 168 -3.77 -0.85 -3.97
N VAL A 169 -3.30 0.15 -4.70
CA VAL A 169 -2.03 0.82 -4.42
C VAL A 169 -2.38 2.26 -4.11
N LYS A 170 -1.99 2.74 -2.91
CA LYS A 170 -2.20 4.14 -2.52
C LYS A 170 -0.82 4.71 -2.26
N GLU A 171 -0.35 5.60 -3.13
CA GLU A 171 1.05 5.96 -3.15
CA GLU A 171 1.06 5.96 -3.15
C GLU A 171 1.23 7.36 -3.73
N ASN A 172 2.39 7.95 -3.42
CA ASN A 172 2.78 9.23 -3.98
C ASN A 172 3.05 9.12 -5.48
N ASN A 173 2.90 10.25 -6.17
CA ASN A 173 3.37 10.38 -7.54
C ASN A 173 4.30 11.59 -7.63
N THR A 174 5.34 11.48 -8.47
CA THR A 174 6.09 12.66 -8.89
C THR A 174 5.22 13.50 -9.82
N PRO A 175 5.53 14.79 -9.95
CA PRO A 175 4.71 15.66 -10.81
C PRO A 175 5.02 15.53 -12.30
N THR A 176 6.14 14.92 -12.66
CA THR A 176 6.54 14.73 -14.04
C THR A 176 6.88 13.26 -14.23
N ASP A 177 7.17 12.88 -15.48
CA ASP A 177 7.47 11.51 -15.85
C ASP A 177 8.91 11.08 -15.52
N THR A 178 9.45 11.52 -14.40
CA THR A 178 10.79 11.11 -13.96
C THR A 178 10.68 10.68 -12.51
N ASP A 179 11.18 9.50 -12.18
CA ASP A 179 11.12 9.00 -10.80
C ASP A 179 12.23 9.63 -9.96
N ASP A 180 11.97 9.75 -8.65
CA ASP A 180 12.88 10.41 -7.69
CA ASP A 180 12.96 10.34 -7.78
C ASP A 180 13.36 9.37 -6.68
N PHE A 181 14.69 9.20 -6.52
CA PHE A 181 15.22 8.34 -5.47
C PHE A 181 15.46 9.14 -4.20
N ASP A 182 14.99 8.61 -3.07
CA ASP A 182 15.16 9.22 -1.76
C ASP A 182 16.23 8.43 -1.01
N GLU A 183 17.38 9.06 -0.81
CA GLU A 183 18.48 8.39 -0.12
C GLU A 183 18.20 8.17 1.36
N THR A 184 17.27 8.93 1.94
CA THR A 184 17.03 8.83 3.37
C THR A 184 16.46 7.48 3.76
N ASP A 185 15.45 7.01 3.02
CA ASP A 185 14.81 5.74 3.31
C ASP A 185 15.01 4.70 2.23
N SER A 186 15.86 5.00 1.24
CA SER A 186 16.21 4.09 0.15
C SER A 186 14.97 3.56 -0.58
N SER A 187 14.23 4.51 -1.15
CA SER A 187 13.00 4.20 -1.87
C SER A 187 12.85 5.17 -3.03
N VAL A 188 12.00 4.81 -3.99
CA VAL A 188 11.68 5.68 -5.11
C VAL A 188 10.26 6.21 -5.04
N THR A 189 10.09 7.45 -5.48
CA THR A 189 8.80 8.04 -5.78
C THR A 189 8.63 7.97 -7.29
N ARG A 190 7.54 7.36 -7.73
CA ARG A 190 7.31 7.08 -9.15
C ARG A 190 6.31 8.04 -9.78
N SER A 191 6.44 8.20 -11.09
CA SER A 191 5.43 8.90 -11.85
C SER A 191 4.19 8.02 -12.07
N ASP A 192 3.07 8.68 -12.36
CA ASP A 192 1.87 7.94 -12.76
C ASP A 192 2.16 7.09 -13.99
N ALA A 193 2.93 7.61 -14.94
CA ALA A 193 3.23 6.84 -16.14
C ALA A 193 4.00 5.58 -15.79
N LYS A 194 4.95 5.67 -14.86
CA LYS A 194 5.71 4.50 -14.44
C LYS A 194 4.80 3.49 -13.75
N PHE A 195 3.93 3.94 -12.84
CA PHE A 195 2.99 3.01 -12.24
C PHE A 195 2.16 2.28 -13.30
N ARG A 196 1.64 3.02 -14.29
CA ARG A 196 0.83 2.37 -15.32
C ARG A 196 1.65 1.35 -16.11
N GLN A 197 2.92 1.63 -16.38
CA GLN A 197 3.77 0.65 -17.05
CA GLN A 197 3.77 0.65 -17.05
C GLN A 197 3.91 -0.61 -16.20
N ILE A 198 4.18 -0.44 -14.91
CA ILE A 198 4.35 -1.55 -14.00
C ILE A 198 3.09 -2.38 -13.91
N PHE A 199 1.93 -1.72 -13.79
CA PHE A 199 0.67 -2.45 -13.69
C PHE A 199 0.43 -3.29 -14.94
N GLU A 200 0.69 -2.72 -16.12
CA GLU A 200 0.53 -3.47 -17.36
CA GLU A 200 0.52 -3.48 -17.35
C GLU A 200 1.48 -4.66 -17.39
N GLU A 201 2.75 -4.44 -17.05
CA GLU A 201 3.70 -5.55 -17.09
CA GLU A 201 3.75 -5.52 -17.04
C GLU A 201 3.33 -6.65 -16.10
N ALA A 202 2.68 -6.31 -14.99
CA ALA A 202 2.24 -7.30 -14.03
C ALA A 202 1.01 -8.06 -14.47
N GLY A 203 0.36 -7.64 -15.55
CA GLY A 203 -0.88 -8.28 -15.97
C GLY A 203 -2.11 -7.79 -15.26
N LEU A 204 -2.10 -6.51 -14.88
CA LEU A 204 -3.22 -5.88 -14.20
C LEU A 204 -3.85 -4.82 -15.08
N LYS A 205 -5.15 -4.63 -14.90
CA LYS A 205 -5.89 -3.52 -15.49
C LYS A 205 -6.41 -2.59 -14.41
N LEU A 206 -6.32 -1.30 -14.67
CA LEU A 206 -6.84 -0.30 -13.76
C LEU A 206 -8.34 -0.18 -13.90
N ILE A 207 -9.06 -0.28 -12.78
CA ILE A 207 -10.49 0.02 -12.80
C ILE A 207 -10.82 1.33 -12.11
N ALA A 208 -9.87 1.94 -11.40
CA ALA A 208 -10.08 3.28 -10.85
C ALA A 208 -8.73 3.91 -10.58
N SER A 209 -8.68 5.22 -10.73
CA SER A 209 -7.53 6.05 -10.36
C SER A 209 -8.09 7.34 -9.79
N GLU A 210 -7.84 7.60 -8.50
CA GLU A 210 -8.43 8.75 -7.85
CA GLU A 210 -8.45 8.70 -7.78
C GLU A 210 -7.38 9.45 -6.99
N ARG A 211 -7.38 10.77 -7.06
CA ARG A 211 -6.48 11.59 -6.29
C ARG A 211 -6.99 11.73 -4.85
N GLN A 212 -6.10 11.57 -3.88
CA GLN A 212 -6.41 11.89 -2.49
C GLN A 212 -6.43 13.41 -2.34
N ARG A 213 -7.59 13.93 -1.99
CA ARG A 213 -7.80 15.36 -1.84
C ARG A 213 -7.43 15.82 -0.44
N GLY A 214 -7.28 17.14 -0.30
CA GLY A 214 -7.17 17.75 1.00
C GLY A 214 -5.83 17.61 1.70
N LEU A 215 -4.76 17.21 0.98
CA LEU A 215 -3.48 17.09 1.67
C LEU A 215 -2.68 18.39 1.58
N PRO A 216 -1.82 18.63 2.56
CA PRO A 216 -0.95 19.82 2.53
C PRO A 216 -0.27 20.00 1.18
N ARG A 217 -0.25 21.25 0.73
CA ARG A 217 0.13 21.57 -0.65
CA ARG A 217 0.12 21.52 -0.66
C ARG A 217 1.57 21.16 -0.97
N GLU A 218 2.45 21.15 0.03
CA GLU A 218 3.86 20.86 -0.24
C GLU A 218 4.13 19.38 -0.51
N LEU A 219 3.16 18.51 -0.28
CA LEU A 219 3.36 17.08 -0.46
C LEU A 219 3.24 16.71 -1.93
N TYR A 220 3.97 15.65 -2.32
CA TYR A 220 3.70 15.00 -3.60
C TYR A 220 2.22 14.65 -3.67
N PRO A 221 1.62 14.70 -4.86
CA PRO A 221 0.30 14.10 -5.05
C PRO A 221 0.26 12.66 -4.56
N VAL A 222 -0.90 12.25 -4.08
CA VAL A 222 -1.15 10.89 -3.62
C VAL A 222 -2.33 10.35 -4.41
N ARG A 223 -2.16 9.15 -4.97
CA ARG A 223 -3.16 8.55 -5.82
C ARG A 223 -3.56 7.18 -5.28
N MET A 224 -4.83 6.84 -5.50
CA MET A 224 -5.40 5.52 -5.21
C MET A 224 -5.69 4.82 -6.52
N TYR A 225 -5.07 3.67 -6.72
CA TYR A 225 -5.24 2.83 -7.90
C TYR A 225 -5.95 1.55 -7.49
N ALA A 226 -7.02 1.18 -8.19
CA ALA A 226 -7.69 -0.10 -7.99
C ALA A 226 -7.45 -0.96 -9.22
N LEU A 227 -7.01 -2.20 -8.99
CA LEU A 227 -6.46 -3.06 -10.01
C LEU A 227 -7.09 -4.44 -9.97
N LYS A 228 -7.35 -4.99 -11.16
CA LYS A 228 -7.88 -6.33 -11.37
C LYS A 228 -6.95 -7.08 -12.32
N PRO A 229 -6.86 -8.40 -12.21
CA PRO A 229 -6.11 -9.15 -13.23
C PRO A 229 -6.74 -9.00 -14.60
N MET A 230 -5.89 -8.93 -15.61
CA MET A 230 -6.36 -8.97 -16.98
CA MET A 230 -6.35 -8.98 -16.98
C MET A 230 -7.04 -10.32 -17.25
N PRO A 231 -8.19 -10.33 -17.92
CA PRO A 231 -8.78 -11.61 -18.33
C PRO A 231 -7.86 -12.38 -19.26
N ASN A 232 -7.92 -13.71 -19.17
CA ASN A 232 -7.07 -14.58 -19.97
C ASN A 232 -7.40 -14.40 -21.45
N PRO B 1 5.56 6.78 2.93
CA PRO B 1 4.81 7.80 3.72
C PRO B 1 4.52 8.98 2.82
N PRO B 2 3.62 9.88 3.22
CA PRO B 2 3.56 11.17 2.50
C PRO B 2 4.91 11.84 2.58
N LYS B 3 5.28 12.58 1.53
CA LYS B 3 6.59 13.21 1.45
C LYS B 3 6.51 14.55 0.72
N GLN B 4 7.36 15.48 1.11
CA GLN B 4 7.42 16.77 0.43
C GLN B 4 7.97 16.63 -0.98
N GLN B 5 7.27 17.22 -1.93
CA GLN B 5 7.68 17.19 -3.32
C GLN B 5 8.97 17.98 -3.52
N LEU B 6 9.91 17.42 -4.25
CA LEU B 6 11.15 18.13 -4.54
C LEU B 6 10.95 19.16 -5.64
#